data_4ESP
#
_entry.id   4ESP
#
_cell.length_a   58.574
_cell.length_b   58.574
_cell.length_c   101.717
_cell.angle_alpha   90.000
_cell.angle_beta   90.000
_cell.angle_gamma   90.000
#
_symmetry.space_group_name_H-M   'P 41 21 2'
#
loop_
_entity.id
_entity.type
_entity.pdbx_description
1 polymer Profilin
2 non-polymer 1,2-ETHANEDIOL
3 non-polymer 'ISOPROPYL ALCOHOL'
4 water water
#
_entity_poly.entity_id   1
_entity_poly.type   'polypeptide(L)'
_entity_poly.pdbx_seq_one_letter_code
;SWQTYVDDHLLCEIEGNHLSSAAILGQDGSVWAQSSNFPQFKPEEITAIMNDFAEPGSLAPTGLYLGGTKYMVIQGEPGT
VIRGKKGPGGVTIKKTNQALIIGIYDEPMTPGQCNMIVEKLGDYLIDTGL
;
_entity_poly.pdbx_strand_id   A
#
loop_
_chem_comp.id
_chem_comp.type
_chem_comp.name
_chem_comp.formula
EDO non-polymer 1,2-ETHANEDIOL 'C2 H6 O2'
IPA non-polymer 'ISOPROPYL ALCOHOL' 'C3 H8 O'
#
# COMPACT_ATOMS: atom_id res chain seq x y z
N SER A 1 10.32 3.01 20.92
CA SER A 1 9.02 3.63 20.84
C SER A 1 8.15 2.80 19.86
N TRP A 2 6.85 3.03 19.87
CA TRP A 2 6.01 2.42 18.81
C TRP A 2 6.44 2.98 17.45
N GLN A 3 6.74 4.25 17.35
CA GLN A 3 7.05 4.81 16.02
C GLN A 3 8.31 4.18 15.44
N THR A 4 9.35 3.98 16.29
CA THR A 4 10.61 3.30 15.84
CA THR A 4 10.55 3.42 15.73
C THR A 4 10.31 1.89 15.43
N TYR A 5 9.50 1.17 16.20
CA TYR A 5 9.12 -0.19 15.90
C TYR A 5 8.46 -0.23 14.49
N VAL A 6 7.49 0.63 14.27
CA VAL A 6 6.82 0.67 12.97
C VAL A 6 7.78 1.02 11.84
N ASP A 7 8.57 2.07 12.01
CA ASP A 7 9.49 2.50 10.97
C ASP A 7 10.48 1.40 10.64
N ASP A 8 10.98 0.69 11.66
CA ASP A 8 11.93 -0.36 11.44
C ASP A 8 11.33 -1.51 10.67
N HIS A 9 10.04 -1.80 10.81
CA HIS A 9 9.42 -2.89 10.14
C HIS A 9 8.95 -2.47 8.73
N LEU A 10 8.39 -1.30 8.57
CA LEU A 10 7.80 -0.88 7.26
C LEU A 10 8.82 -0.21 6.31
N LEU A 11 9.79 0.49 6.90
CA LEU A 11 10.75 1.22 6.12
C LEU A 11 12.07 0.51 6.06
N CYS A 12 11.99 -0.81 6.12
CA CYS A 12 13.13 -1.67 6.01
C CYS A 12 13.80 -1.56 4.66
N GLU A 13 15.13 -1.78 4.61
CA GLU A 13 15.78 -1.68 3.30
CA GLU A 13 15.96 -1.78 3.42
C GLU A 13 15.64 -2.94 2.46
N ILE A 14 15.64 -2.67 1.18
CA ILE A 14 15.61 -3.68 0.23
C ILE A 14 16.51 -3.26 -0.89
N GLU A 15 17.58 -4.03 -1.11
CA GLU A 15 18.56 -3.69 -2.17
C GLU A 15 19.09 -2.26 -1.99
N GLY A 16 19.28 -1.86 -0.71
CA GLY A 16 19.74 -0.51 -0.48
C GLY A 16 18.78 0.62 -0.45
N ASN A 17 17.49 0.34 -0.74
CA ASN A 17 16.47 1.37 -0.85
C ASN A 17 15.38 1.15 0.19
N HIS A 18 14.52 2.11 0.38
CA HIS A 18 13.40 1.91 1.34
C HIS A 18 12.20 2.73 0.84
N LEU A 19 11.04 2.29 1.27
CA LEU A 19 9.86 3.06 1.03
C LEU A 19 9.93 4.46 1.53
N SER A 20 9.32 5.42 0.84
CA SER A 20 9.23 6.78 1.33
C SER A 20 8.29 6.90 2.54
N SER A 21 7.16 6.16 2.48
CA SER A 21 6.27 6.02 3.59
C SER A 21 5.45 4.77 3.42
N ALA A 22 4.79 4.36 4.48
CA ALA A 22 4.01 3.14 4.44
C ALA A 22 3.03 3.10 5.59
N ALA A 23 2.02 2.29 5.44
CA ALA A 23 1.01 2.07 6.53
C ALA A 23 0.38 0.76 6.41
N ILE A 24 -0.12 0.26 7.58
CA ILE A 24 -1.07 -0.76 7.61
C ILE A 24 -2.39 -0.14 8.02
N LEU A 25 -3.43 -0.20 7.24
CA LEU A 25 -4.73 0.37 7.53
C LEU A 25 -5.74 -0.72 7.67
N GLY A 26 -6.69 -0.53 8.59
CA GLY A 26 -7.80 -1.43 8.56
C GLY A 26 -8.66 -1.22 7.29
N GLN A 27 -9.41 -2.23 6.90
CA GLN A 27 -10.35 -2.09 5.78
C GLN A 27 -11.45 -1.11 6.13
N ASP A 28 -11.63 -0.76 7.39
CA ASP A 28 -12.52 0.34 7.86
C ASP A 28 -11.89 1.68 7.79
N GLY A 29 -10.68 1.85 7.25
CA GLY A 29 -10.08 3.12 7.18
C GLY A 29 -9.33 3.59 8.40
N SER A 30 -9.27 2.73 9.43
CA SER A 30 -8.48 3.07 10.62
C SER A 30 -6.99 2.82 10.36
N VAL A 31 -6.17 3.40 11.19
CA VAL A 31 -4.72 3.21 11.14
C VAL A 31 -4.31 2.12 12.09
N TRP A 32 -3.69 1.06 11.61
CA TRP A 32 -3.03 0.06 12.45
C TRP A 32 -1.60 0.37 12.70
N ALA A 33 -0.91 0.94 11.71
CA ALA A 33 0.44 1.33 11.87
C ALA A 33 0.77 2.33 10.76
N GLN A 34 1.45 3.38 11.03
CA GLN A 34 1.86 4.30 9.95
C GLN A 34 3.25 4.78 10.22
N SER A 35 4.07 4.81 9.16
CA SER A 35 5.36 5.27 9.25
C SER A 35 5.35 6.73 9.42
N SER A 36 6.53 7.26 9.80
CA SER A 36 6.52 8.72 10.29
C SER A 36 5.99 9.76 9.34
N ASN A 37 6.17 9.57 8.03
CA ASN A 37 5.73 10.55 6.96
C ASN A 37 4.57 10.07 6.06
N PHE A 38 3.79 9.09 6.51
CA PHE A 38 2.68 8.66 5.73
C PHE A 38 1.67 9.80 5.54
N PRO A 39 1.09 9.96 4.35
CA PRO A 39 0.19 11.11 4.17
C PRO A 39 -1.10 10.99 4.97
N GLN A 40 -1.69 12.16 5.17
CA GLN A 40 -3.06 12.16 5.71
CA GLN A 40 -3.08 12.32 5.63
C GLN A 40 -3.96 11.78 4.56
N PHE A 41 -4.79 10.85 4.75
CA PHE A 41 -5.64 10.27 3.71
C PHE A 41 -7.08 10.43 4.17
N LYS A 42 -7.99 10.28 3.21
CA LYS A 42 -9.41 10.51 3.42
C LYS A 42 -10.17 9.20 3.50
N PRO A 43 -11.23 9.17 4.29
CA PRO A 43 -12.05 7.93 4.33
C PRO A 43 -12.52 7.49 2.94
N GLU A 44 -12.93 8.44 2.09
CA GLU A 44 -13.51 8.08 0.80
C GLU A 44 -12.40 7.48 -0.07
N GLU A 45 -11.13 7.82 0.16
CA GLU A 45 -10.06 7.18 -0.63
C GLU A 45 -9.97 5.68 -0.29
N ILE A 46 -10.15 5.35 0.97
CA ILE A 46 -10.11 3.95 1.37
C ILE A 46 -11.35 3.19 0.86
N THR A 47 -12.52 3.86 0.88
CA THR A 47 -13.69 3.25 0.31
C THR A 47 -13.48 2.90 -1.19
N ALA A 48 -12.84 3.86 -1.91
CA ALA A 48 -12.65 3.65 -3.32
C ALA A 48 -11.68 2.47 -3.55
N ILE A 49 -10.61 2.37 -2.72
CA ILE A 49 -9.71 1.25 -2.79
C ILE A 49 -10.39 -0.09 -2.55
N MET A 50 -11.21 -0.11 -1.46
CA MET A 50 -11.93 -1.34 -1.20
C MET A 50 -12.88 -1.73 -2.28
N ASN A 51 -13.53 -0.74 -2.91
CA ASN A 51 -14.46 -1.12 -3.95
CA ASN A 51 -14.40 -0.95 -4.06
C ASN A 51 -13.68 -1.62 -5.23
N ASP A 52 -12.43 -1.19 -5.43
CA ASP A 52 -11.63 -1.74 -6.54
C ASP A 52 -11.13 -3.18 -6.29
N PHE A 53 -10.95 -3.53 -4.99
CA PHE A 53 -10.69 -4.94 -4.69
C PHE A 53 -11.92 -5.79 -4.94
N ALA A 54 -13.12 -5.22 -4.60
CA ALA A 54 -14.37 -5.95 -4.81
C ALA A 54 -14.76 -6.04 -6.29
N GLU A 55 -14.52 -4.97 -7.02
CA GLU A 55 -14.93 -4.90 -8.44
CA GLU A 55 -14.99 -4.78 -8.42
C GLU A 55 -13.75 -4.29 -9.21
N PRO A 56 -12.82 -5.18 -9.57
CA PRO A 56 -11.57 -4.70 -10.20
C PRO A 56 -11.86 -3.93 -11.45
N GLY A 57 -11.03 -2.90 -11.69
CA GLY A 57 -11.19 -2.03 -12.83
C GLY A 57 -12.02 -0.81 -12.52
N SER A 58 -12.62 -0.72 -11.32
CA SER A 58 -13.50 0.42 -11.07
CA SER A 58 -13.44 0.40 -10.88
C SER A 58 -12.72 1.72 -10.80
N LEU A 59 -11.51 1.64 -10.27
CA LEU A 59 -10.77 2.80 -9.95
C LEU A 59 -10.13 3.41 -11.15
N ALA A 60 -9.75 2.57 -12.14
CA ALA A 60 -8.87 3.02 -13.22
C ALA A 60 -9.43 4.27 -13.97
N PRO A 61 -10.71 4.35 -14.32
CA PRO A 61 -11.15 5.47 -15.17
C PRO A 61 -10.91 6.77 -14.56
N THR A 62 -10.93 6.86 -13.27
CA THR A 62 -10.80 8.12 -12.63
C THR A 62 -9.45 8.33 -11.81
N GLY A 63 -8.64 7.29 -11.66
CA GLY A 63 -7.37 7.38 -10.97
C GLY A 63 -7.48 6.96 -9.52
N LEU A 64 -6.35 6.58 -8.95
CA LEU A 64 -6.28 6.24 -7.56
CA LEU A 64 -6.17 6.27 -7.56
C LEU A 64 -5.80 7.51 -6.80
N TYR A 65 -6.58 7.89 -5.78
CA TYR A 65 -6.21 9.02 -4.95
C TYR A 65 -5.84 8.54 -3.55
N LEU A 66 -4.75 9.11 -3.06
CA LEU A 66 -4.34 8.81 -1.67
C LEU A 66 -3.72 10.09 -1.14
N GLY A 67 -4.29 10.61 -0.06
CA GLY A 67 -3.78 11.89 0.46
C GLY A 67 -4.01 13.06 -0.51
N GLY A 68 -5.00 12.93 -1.38
CA GLY A 68 -5.29 13.93 -2.39
C GLY A 68 -4.42 13.83 -3.62
N THR A 69 -3.38 12.98 -3.59
CA THR A 69 -2.47 12.79 -4.75
C THR A 69 -3.02 11.75 -5.67
N LYS A 70 -3.03 12.08 -6.98
CA LYS A 70 -3.54 11.18 -7.98
C LYS A 70 -2.43 10.30 -8.57
N TYR A 71 -2.71 9.02 -8.71
CA TYR A 71 -1.84 8.05 -9.37
C TYR A 71 -2.59 7.42 -10.50
N MET A 72 -1.92 7.14 -11.61
CA MET A 72 -2.51 6.31 -12.66
C MET A 72 -2.58 4.85 -12.18
N VAL A 73 -3.70 4.22 -12.32
CA VAL A 73 -3.80 2.78 -12.00
C VAL A 73 -3.09 1.97 -13.08
N ILE A 74 -2.24 1.06 -12.65
CA ILE A 74 -1.55 0.13 -13.53
C ILE A 74 -1.79 -1.28 -13.02
N GLN A 75 -1.34 -2.31 -13.77
CA GLN A 75 -1.75 -3.66 -13.49
C GLN A 75 -1.33 -4.08 -12.06
N GLY A 76 -2.32 -4.57 -11.33
CA GLY A 76 -2.20 -5.13 -10.00
C GLY A 76 -2.38 -6.59 -10.05
N GLU A 77 -3.08 -7.11 -9.03
CA GLU A 77 -3.48 -8.50 -8.91
CA GLU A 77 -3.46 -8.53 -9.04
C GLU A 77 -4.92 -8.54 -8.61
N PRO A 78 -5.83 -9.19 -9.37
CA PRO A 78 -7.28 -8.99 -9.17
C PRO A 78 -7.69 -9.33 -7.73
N GLY A 79 -8.37 -8.37 -7.10
CA GLY A 79 -8.87 -8.59 -5.76
C GLY A 79 -7.86 -8.44 -4.66
N THR A 80 -6.56 -8.32 -4.94
CA THR A 80 -5.52 -8.39 -3.92
C THR A 80 -4.48 -7.35 -3.96
N VAL A 81 -4.07 -6.80 -5.13
CA VAL A 81 -3.04 -5.79 -5.17
C VAL A 81 -3.48 -4.69 -6.11
N ILE A 82 -3.39 -3.47 -5.71
CA ILE A 82 -3.58 -2.26 -6.53
C ILE A 82 -2.22 -1.60 -6.69
N ARG A 83 -1.90 -1.16 -7.90
CA ARG A 83 -0.67 -0.44 -8.15
C ARG A 83 -0.98 0.89 -8.83
N GLY A 84 -0.21 1.88 -8.48
CA GLY A 84 -0.36 3.22 -9.06
C GLY A 84 0.94 3.82 -9.42
N LYS A 85 0.97 4.69 -10.41
CA LYS A 85 2.19 5.37 -10.89
C LYS A 85 1.98 6.88 -10.89
N LYS A 86 3.03 7.59 -10.47
CA LYS A 86 3.03 9.06 -10.59
C LYS A 86 4.46 9.46 -10.87
N GLY A 87 4.78 9.87 -12.11
CA GLY A 87 6.18 10.12 -12.44
C GLY A 87 7.01 8.91 -12.17
N PRO A 88 8.24 9.12 -11.64
CA PRO A 88 9.16 8.07 -11.29
C PRO A 88 8.82 7.46 -9.95
N GLY A 89 7.70 7.75 -9.35
CA GLY A 89 7.31 7.11 -8.08
C GLY A 89 5.97 6.42 -8.22
N GLY A 90 5.40 6.01 -7.11
CA GLY A 90 4.14 5.26 -7.18
C GLY A 90 3.82 4.66 -5.86
N VAL A 91 2.91 3.69 -5.90
CA VAL A 91 2.29 3.08 -4.72
C VAL A 91 1.93 1.69 -5.02
N THR A 92 2.00 0.80 -3.98
CA THR A 92 1.49 -0.52 -4.02
C THR A 92 0.57 -0.71 -2.83
N ILE A 93 -0.59 -1.28 -3.03
CA ILE A 93 -1.58 -1.55 -1.96
C ILE A 93 -1.91 -2.98 -2.03
N LYS A 94 -1.69 -3.71 -0.90
CA LYS A 94 -2.05 -5.12 -0.86
CA LYS A 94 -1.90 -5.12 -0.82
C LYS A 94 -3.07 -5.38 0.18
N LYS A 95 -4.15 -6.01 -0.22
CA LYS A 95 -5.24 -6.40 0.69
CA LYS A 95 -5.23 -6.34 0.68
C LYS A 95 -4.83 -7.59 1.52
N THR A 96 -5.18 -7.56 2.81
CA THR A 96 -5.01 -8.71 3.67
C THR A 96 -6.40 -9.21 4.09
N ASN A 97 -6.44 -10.14 5.07
CA ASN A 97 -7.78 -10.62 5.44
C ASN A 97 -8.59 -9.54 6.18
N GLN A 98 -7.94 -8.67 6.91
CA GLN A 98 -8.65 -7.64 7.73
C GLN A 98 -8.15 -6.25 7.48
N ALA A 99 -7.08 -6.08 6.68
CA ALA A 99 -6.37 -4.82 6.60
C ALA A 99 -5.89 -4.59 5.16
N LEU A 100 -5.06 -3.60 5.00
CA LEU A 100 -4.40 -3.18 3.75
CA LEU A 100 -4.39 -3.26 3.74
C LEU A 100 -3.05 -2.75 4.09
N ILE A 101 -2.05 -3.09 3.28
CA ILE A 101 -0.66 -2.69 3.42
CA ILE A 101 -0.78 -2.45 3.46
C ILE A 101 -0.46 -1.61 2.28
N ILE A 102 0.01 -0.44 2.54
CA ILE A 102 0.28 0.61 1.51
C ILE A 102 1.74 0.96 1.63
N GLY A 103 2.45 0.94 0.49
CA GLY A 103 3.81 1.47 0.41
C GLY A 103 3.91 2.49 -0.68
N ILE A 104 4.52 3.61 -0.43
CA ILE A 104 4.73 4.71 -1.39
C ILE A 104 6.21 4.79 -1.64
N TYR A 105 6.63 4.82 -2.92
CA TYR A 105 8.03 4.88 -3.30
C TYR A 105 8.30 6.07 -4.21
N ASP A 106 9.61 6.40 -4.21
CA ASP A 106 10.19 7.43 -5.08
C ASP A 106 11.53 6.96 -5.53
N GLU A 107 12.04 7.49 -6.62
CA GLU A 107 13.47 7.15 -6.98
C GLU A 107 14.39 7.49 -5.76
N PRO A 108 15.41 6.66 -5.54
CA PRO A 108 15.89 5.58 -6.37
C PRO A 108 15.25 4.21 -6.16
N MET A 109 14.29 4.08 -5.23
CA MET A 109 13.62 2.78 -5.13
C MET A 109 12.89 2.49 -6.46
N THR A 110 12.95 1.24 -6.82
CA THR A 110 12.26 0.81 -8.08
C THR A 110 10.84 0.34 -7.79
N PRO A 111 10.00 0.35 -8.79
CA PRO A 111 8.66 -0.19 -8.58
C PRO A 111 8.67 -1.62 -8.11
N GLY A 112 9.59 -2.44 -8.63
CA GLY A 112 9.67 -3.82 -8.27
C GLY A 112 10.09 -4.02 -6.80
N GLN A 113 10.99 -3.14 -6.34
CA GLN A 113 11.36 -3.22 -4.90
C GLN A 113 10.17 -2.83 -4.00
N CYS A 114 9.37 -1.81 -4.38
CA CYS A 114 8.18 -1.44 -3.63
C CYS A 114 7.20 -2.67 -3.59
N ASN A 115 6.96 -3.23 -4.79
CA ASN A 115 6.07 -4.36 -4.84
C ASN A 115 6.51 -5.49 -3.94
N MET A 116 7.79 -5.85 -3.99
CA MET A 116 8.22 -6.96 -3.26
CA MET A 116 8.34 -6.89 -3.22
C MET A 116 8.08 -6.69 -1.73
N ILE A 117 8.47 -5.52 -1.22
CA ILE A 117 8.31 -5.11 0.24
CA ILE A 117 8.37 -5.46 0.21
C ILE A 117 6.84 -5.28 0.64
N VAL A 118 6.00 -4.57 -0.10
CA VAL A 118 4.59 -4.49 0.27
C VAL A 118 3.94 -5.83 0.21
N GLU A 119 4.16 -6.52 -0.86
CA GLU A 119 3.63 -7.92 -1.13
CA GLU A 119 3.37 -7.75 -0.91
C GLU A 119 4.00 -8.84 0.02
N LYS A 120 5.28 -8.84 0.34
CA LYS A 120 5.83 -9.70 1.37
CA LYS A 120 5.80 -9.76 1.39
C LYS A 120 5.24 -9.36 2.77
N LEU A 121 5.22 -8.07 3.09
CA LEU A 121 4.52 -7.54 4.35
CA LEU A 121 4.67 -7.77 4.38
C LEU A 121 3.16 -8.16 4.44
N GLY A 122 2.42 -8.01 3.32
CA GLY A 122 1.07 -8.48 3.34
C GLY A 122 0.96 -9.97 3.49
N ASP A 123 1.80 -10.74 2.86
CA ASP A 123 1.79 -12.17 3.08
C ASP A 123 2.04 -12.55 4.53
N TYR A 124 3.00 -11.88 5.16
CA TYR A 124 3.26 -12.03 6.57
CA TYR A 124 3.23 -12.26 6.56
C TYR A 124 1.99 -11.86 7.41
N LEU A 125 1.33 -10.74 7.18
CA LEU A 125 0.15 -10.40 7.94
C LEU A 125 -0.98 -11.39 7.70
N ILE A 126 -1.21 -11.76 6.44
CA ILE A 126 -2.26 -12.72 6.14
C ILE A 126 -1.95 -14.05 6.80
N ASP A 127 -0.67 -14.48 6.80
CA ASP A 127 -0.35 -15.79 7.39
C ASP A 127 -0.68 -15.81 8.84
N THR A 128 -0.72 -14.69 9.54
CA THR A 128 -1.20 -14.64 10.96
C THR A 128 -2.69 -14.46 11.10
N GLY A 129 -3.45 -14.51 10.01
CA GLY A 129 -4.89 -14.41 10.05
C GLY A 129 -5.39 -13.00 9.98
N LEU A 130 -4.60 -12.02 9.62
CA LEU A 130 -4.99 -10.64 9.56
C LEU A 130 -4.95 -10.07 8.17
C1 EDO B . -1.35 10.65 -13.73
O1 EDO B . -2.11 11.85 -13.68
C2 EDO B . -0.68 10.32 -12.40
O2 EDO B . 0.26 11.34 -12.14
C1 EDO C . -6.19 -11.45 -0.11
O1 EDO C . -4.94 -10.78 -0.40
C2 EDO C . -6.18 -12.29 1.17
O2 EDO C . -6.32 -11.42 2.11
C1 EDO D . -12.75 -7.61 2.59
O1 EDO D . -13.48 -8.08 1.43
C2 EDO D . -12.13 -8.67 3.57
O2 EDO D . -10.75 -9.10 3.39
C1 EDO E . -8.14 4.42 15.65
O1 EDO E . -9.36 4.92 15.19
C2 EDO E . -7.05 4.41 14.68
O2 EDO E . -7.21 5.03 13.32
C1 EDO F . -6.56 -5.09 -9.07
O1 EDO F . -5.62 -4.27 -9.21
C2 EDO F . -7.47 -4.71 -7.85
O2 EDO F . -8.67 -5.60 -7.66
C1 EDO G . -6.80 -2.82 -12.20
C1 EDO G . -6.77 -2.36 -11.80
O1 EDO G . -7.84 -3.88 -11.80
O1 EDO G . -7.79 -3.48 -11.84
C2 EDO G . -5.44 -3.31 -12.45
C2 EDO G . -6.91 -1.84 -10.36
O2 EDO G . -5.09 -4.62 -12.30
O2 EDO G . -6.76 -0.44 -9.41
C1 EDO H . -4.66 9.61 9.16
O1 EDO H . -5.98 9.04 9.54
C2 EDO H . -4.75 10.28 7.81
O2 EDO H . -5.69 11.35 7.54
C1 EDO I . 3.20 7.76 19.08
O1 EDO I . 2.62 9.02 18.73
C2 EDO I . 3.41 6.69 18.00
O2 EDO I . 2.11 6.64 17.35
C1 IPA J . -7.69 0.19 14.67
C2 IPA J . -8.64 -0.78 14.55
C3 IPA J . -8.67 -2.36 14.64
O2 IPA J . -9.60 -0.06 13.90
C1 IPA K . 3.08 -3.10 13.33
C2 IPA K . 4.10 -3.43 12.40
C3 IPA K . 4.33 -2.49 11.32
O2 IPA K . 4.32 -4.77 12.18
#